data_1BQC
#
_entry.id   1BQC
#
_cell.length_a   43.702
_cell.length_b   46.058
_cell.length_c   132.511
_cell.angle_alpha   90.00
_cell.angle_beta   90.00
_cell.angle_gamma   90.00
#
_symmetry.space_group_name_H-M   'P 21 21 21'
#
loop_
_entity.id
_entity.type
_entity.pdbx_description
1 polymer 'PROTEIN (BETA-MANNANASE)'
2 water water
#
_entity_poly.entity_id   1
_entity_poly.type   'polypeptide(L)'
_entity_poly.pdbx_seq_one_letter_code
;ATGLHVKNGRLYEANGQEFIIRGVSHPHNWYPQHTQAFADIKSHGANTVRVVLSNGVRWSKNGPSDVANVISLCKQNRLI
CMLEVHDTTGYGEQSGASTLDQAVDYWIELKSVLQGEEDYVLINIGNEPYGNDSATVAAWATDTSAAIQRLRAAGFEHTL
VVDAPNWGQDWTNTMRNNADQVYASDPTGNTVFSIHMYGVYSQASTITSYLEHFVNAGLPLIIGEFGHDHSDGNPDEDTI
MAEAERLKLGYIGWSWSGNGGGVEYLDMVYNFDGDNLSPWGERIFYGPNGIASTAKEAVIFG
;
_entity_poly.pdbx_strand_id   A
#
# COMPACT_ATOMS: atom_id res chain seq x y z
N ALA A 1 -10.33 1.89 -19.93
CA ALA A 1 -9.80 0.52 -20.03
C ALA A 1 -9.25 0.02 -18.69
N THR A 2 -9.20 -1.29 -18.55
CA THR A 2 -8.59 -1.90 -17.38
C THR A 2 -7.14 -2.27 -17.70
N GLY A 3 -6.33 -2.40 -16.66
CA GLY A 3 -4.93 -2.78 -16.79
C GLY A 3 -4.70 -3.88 -15.74
N LEU A 4 -4.06 -3.45 -14.66
CA LEU A 4 -3.90 -4.32 -13.49
C LEU A 4 -5.29 -4.70 -13.02
N HIS A 5 -5.51 -5.97 -12.71
CA HIS A 5 -6.84 -6.42 -12.32
C HIS A 5 -6.74 -7.68 -11.47
N VAL A 6 -7.86 -8.03 -10.87
CA VAL A 6 -7.90 -9.18 -9.98
C VAL A 6 -8.73 -10.31 -10.55
N LYS A 7 -8.19 -11.51 -10.40
CA LYS A 7 -8.95 -12.70 -10.77
C LYS A 7 -8.49 -13.82 -9.85
N ASN A 8 -9.46 -14.61 -9.41
CA ASN A 8 -9.21 -15.73 -8.51
C ASN A 8 -8.41 -15.36 -7.28
N GLY A 9 -8.68 -14.18 -6.73
CA GLY A 9 -8.06 -13.67 -5.53
C GLY A 9 -6.64 -13.19 -5.69
N ARG A 10 -6.14 -13.07 -6.91
CA ARG A 10 -4.76 -12.66 -7.15
C ARG A 10 -4.72 -11.48 -8.12
N LEU A 11 -3.58 -10.79 -8.14
CA LEU A 11 -3.35 -9.61 -8.95
C LEU A 11 -2.61 -9.96 -10.22
N TYR A 12 -3.19 -9.52 -11.34
CA TYR A 12 -2.64 -9.79 -12.65
C TYR A 12 -2.48 -8.54 -13.49
N GLU A 13 -1.48 -8.60 -14.37
CA GLU A 13 -1.33 -7.59 -15.39
C GLU A 13 -2.36 -7.90 -16.48
N ALA A 14 -2.62 -6.95 -17.37
CA ALA A 14 -3.62 -7.14 -18.42
C ALA A 14 -3.33 -8.33 -19.30
N ASN A 15 -2.07 -8.68 -19.51
CA ASN A 15 -1.66 -9.80 -20.34
C ASN A 15 -1.81 -11.15 -19.65
N GLY A 16 -2.32 -11.20 -18.42
CA GLY A 16 -2.52 -12.46 -17.74
C GLY A 16 -1.39 -12.89 -16.84
N GLN A 17 -0.32 -12.09 -16.77
CA GLN A 17 0.79 -12.46 -15.89
C GLN A 17 0.50 -12.03 -14.46
N GLU A 18 0.63 -12.96 -13.50
CA GLU A 18 0.42 -12.56 -12.10
C GLU A 18 1.51 -11.58 -11.70
N PHE A 19 1.14 -10.61 -10.85
CA PHE A 19 2.07 -9.62 -10.33
C PHE A 19 2.09 -9.74 -8.80
N ILE A 20 3.27 -10.02 -8.28
CA ILE A 20 3.50 -10.15 -6.84
C ILE A 20 4.30 -8.93 -6.39
N ILE A 21 3.64 -8.03 -5.67
CA ILE A 21 4.28 -6.79 -5.27
C ILE A 21 5.44 -7.02 -4.32
N ARG A 22 6.58 -6.38 -4.59
CA ARG A 22 7.75 -6.43 -3.72
C ARG A 22 8.35 -5.02 -3.74
N GLY A 23 7.98 -4.20 -2.77
CA GLY A 23 8.42 -2.82 -2.77
C GLY A 23 8.47 -2.20 -1.40
N VAL A 24 8.51 -0.88 -1.41
CA VAL A 24 8.62 -0.04 -0.24
C VAL A 24 7.82 1.25 -0.41
N SER A 25 7.48 1.86 0.72
CA SER A 25 6.86 3.17 0.70
C SER A 25 7.92 4.27 0.66
N HIS A 26 7.64 5.34 -0.04
CA HIS A 26 8.51 6.52 -0.15
C HIS A 26 7.69 7.72 0.25
N PRO A 27 8.16 8.49 1.22
CA PRO A 27 7.43 9.63 1.75
C PRO A 27 7.47 10.89 0.91
N HIS A 28 6.99 10.79 -0.33
CA HIS A 28 7.01 11.91 -1.26
C HIS A 28 6.41 13.21 -0.76
N ASN A 29 5.24 13.14 -0.13
CA ASN A 29 4.59 14.35 0.33
C ASN A 29 5.50 15.14 1.28
N TRP A 30 6.18 14.47 2.18
CA TRP A 30 6.99 15.16 3.17
C TRP A 30 8.40 15.48 2.71
N TYR A 31 8.83 14.82 1.62
CA TYR A 31 10.17 15.01 1.07
C TYR A 31 10.10 15.14 -0.45
N PRO A 32 9.51 16.23 -0.92
CA PRO A 32 9.34 16.50 -2.35
C PRO A 32 10.64 16.66 -3.10
N GLN A 33 11.72 16.96 -2.40
CA GLN A 33 13.04 17.13 -2.99
C GLN A 33 13.78 15.83 -3.24
N HIS A 34 13.27 14.70 -2.74
CA HIS A 34 13.97 13.43 -2.88
C HIS A 34 13.37 12.50 -3.89
N THR A 35 13.13 13.02 -5.09
CA THR A 35 12.60 12.22 -6.18
C THR A 35 13.62 11.29 -6.79
N GLN A 36 14.89 11.30 -6.37
CA GLN A 36 15.88 10.34 -6.77
C GLN A 36 15.57 8.96 -6.17
N ALA A 37 14.68 8.94 -5.15
CA ALA A 37 14.27 7.69 -4.53
C ALA A 37 13.68 6.70 -5.54
N PHE A 38 12.95 7.15 -6.55
CA PHE A 38 12.34 6.21 -7.49
C PHE A 38 13.39 5.33 -8.17
N ALA A 39 14.42 5.95 -8.76
CA ALA A 39 15.50 5.22 -9.39
C ALA A 39 16.25 4.35 -8.38
N ASP A 40 16.50 4.90 -7.19
CA ASP A 40 17.24 4.17 -6.16
C ASP A 40 16.52 2.91 -5.70
N ILE A 41 15.22 3.00 -5.52
CA ILE A 41 14.39 1.86 -5.10
C ILE A 41 14.40 0.79 -6.16
N LYS A 42 14.29 1.16 -7.44
CA LYS A 42 14.39 0.20 -8.53
C LYS A 42 15.77 -0.44 -8.58
N SER A 43 16.80 0.35 -8.32
CA SER A 43 18.17 -0.20 -8.39
C SER A 43 18.42 -1.36 -7.44
N HIS A 44 17.68 -1.45 -6.34
CA HIS A 44 17.79 -2.51 -5.37
C HIS A 44 16.82 -3.65 -5.64
N GLY A 45 16.09 -3.61 -6.76
CA GLY A 45 15.27 -4.71 -7.18
C GLY A 45 13.78 -4.62 -6.98
N ALA A 46 13.31 -3.56 -6.33
CA ALA A 46 11.86 -3.45 -6.10
C ALA A 46 11.11 -3.40 -7.41
N ASN A 47 9.84 -3.83 -7.41
CA ASN A 47 9.03 -3.73 -8.61
C ASN A 47 7.88 -2.73 -8.41
N THR A 48 7.73 -2.21 -7.21
CA THR A 48 6.67 -1.31 -6.86
C THR A 48 7.14 -0.27 -5.82
N VAL A 49 6.63 0.96 -5.94
CA VAL A 49 6.84 1.95 -4.90
C VAL A 49 5.45 2.46 -4.49
N ARG A 50 5.23 2.50 -3.18
CA ARG A 50 4.02 3.08 -2.59
C ARG A 50 4.36 4.52 -2.24
N VAL A 51 3.63 5.46 -2.85
CA VAL A 51 3.97 6.88 -2.73
C VAL A 51 2.99 7.62 -1.83
N VAL A 52 3.56 8.24 -0.81
CA VAL A 52 2.81 9.04 0.14
C VAL A 52 2.38 10.36 -0.50
N LEU A 53 1.10 10.54 -0.68
CA LEU A 53 0.51 11.76 -1.17
C LEU A 53 -0.42 12.32 -0.08
N SER A 54 -0.82 13.58 -0.28
CA SER A 54 -1.77 14.24 0.57
C SER A 54 -2.88 14.86 -0.27
N ASN A 55 -4.09 14.80 0.27
CA ASN A 55 -5.25 15.45 -0.31
C ASN A 55 -5.40 16.87 0.24
N GLY A 56 -4.48 17.30 1.08
CA GLY A 56 -4.51 18.63 1.65
C GLY A 56 -5.21 18.76 2.99
N VAL A 57 -5.90 17.73 3.45
CA VAL A 57 -6.66 17.79 4.70
C VAL A 57 -5.74 17.95 5.90
N ARG A 58 -4.67 17.16 5.97
CA ARG A 58 -3.70 17.27 7.05
C ARG A 58 -2.38 17.87 6.61
N TRP A 59 -1.92 17.52 5.41
CA TRP A 59 -0.64 18.00 4.89
C TRP A 59 -0.88 18.86 3.66
N SER A 60 0.16 19.19 2.90
CA SER A 60 -0.02 20.02 1.71
C SER A 60 -0.35 19.12 0.51
N LYS A 61 -1.43 19.47 -0.16
CA LYS A 61 -1.90 18.68 -1.29
C LYS A 61 -0.90 18.53 -2.42
N ASN A 62 -0.86 17.32 -2.97
CA ASN A 62 -0.04 17.06 -4.15
C ASN A 62 -0.95 17.31 -5.35
N GLY A 63 -0.65 18.40 -6.06
CA GLY A 63 -1.49 18.74 -7.21
C GLY A 63 -1.28 17.84 -8.41
N PRO A 64 -2.11 18.01 -9.43
CA PRO A 64 -2.05 17.22 -10.64
C PRO A 64 -0.71 17.17 -11.34
N SER A 65 -0.02 18.30 -11.51
CA SER A 65 1.27 18.27 -12.22
C SER A 65 2.31 17.52 -11.42
N ASP A 66 2.25 17.64 -10.10
CA ASP A 66 3.15 16.90 -9.21
C ASP A 66 2.87 15.40 -9.32
N VAL A 67 1.61 15.01 -9.26
CA VAL A 67 1.26 13.59 -9.39
C VAL A 67 1.62 13.06 -10.77
N ALA A 68 1.45 13.87 -11.82
CA ALA A 68 1.87 13.43 -13.14
C ALA A 68 3.36 13.13 -13.15
N ASN A 69 4.14 14.00 -12.50
CA ASN A 69 5.58 13.81 -12.41
C ASN A 69 5.90 12.51 -11.68
N VAL A 70 5.24 12.28 -10.54
CA VAL A 70 5.46 11.04 -9.79
C VAL A 70 5.21 9.83 -10.67
N ILE A 71 4.08 9.83 -11.38
CA ILE A 71 3.75 8.68 -12.24
C ILE A 71 4.79 8.50 -13.33
N SER A 72 5.30 9.60 -13.88
CA SER A 72 6.35 9.52 -14.91
C SER A 72 7.63 8.92 -14.35
N LEU A 73 7.97 9.24 -13.10
CA LEU A 73 9.17 8.70 -12.47
C LEU A 73 9.03 7.21 -12.16
N CYS A 74 7.83 6.80 -11.76
CA CYS A 74 7.59 5.37 -11.60
C CYS A 74 7.78 4.68 -12.95
N LYS A 75 7.10 5.19 -13.98
CA LYS A 75 7.18 4.51 -15.28
C LYS A 75 8.56 4.51 -15.89
N GLN A 76 9.29 5.61 -15.84
CA GLN A 76 10.65 5.66 -16.39
C GLN A 76 11.60 4.72 -15.66
N ASN A 77 11.33 4.48 -14.38
CA ASN A 77 12.14 3.58 -13.58
C ASN A 77 11.56 2.18 -13.50
N ARG A 78 10.53 1.88 -14.30
CA ARG A 78 9.98 0.56 -14.45
C ARG A 78 9.51 0.00 -13.11
N LEU A 79 8.75 0.84 -12.42
CA LEU A 79 8.12 0.53 -11.16
C LEU A 79 6.60 0.71 -11.27
N ILE A 80 5.85 -0.20 -10.67
CA ILE A 80 4.40 -0.02 -10.54
C ILE A 80 4.25 1.01 -9.42
N CYS A 81 3.38 1.98 -9.62
CA CYS A 81 3.21 3.12 -8.72
C CYS A 81 1.94 2.95 -7.91
N MET A 82 2.05 2.75 -6.60
CA MET A 82 0.87 2.63 -5.75
C MET A 82 0.70 3.96 -5.02
N LEU A 83 -0.22 4.79 -5.48
CA LEU A 83 -0.44 6.11 -4.88
C LEU A 83 -1.37 5.98 -3.68
N GLU A 84 -1.09 6.72 -2.60
CA GLU A 84 -1.98 6.61 -1.44
C GLU A 84 -2.20 7.96 -0.77
N VAL A 85 -3.42 8.22 -0.32
CA VAL A 85 -3.74 9.46 0.39
C VAL A 85 -3.53 9.21 1.89
N HIS A 86 -2.51 9.86 2.45
CA HIS A 86 -2.14 9.61 3.84
C HIS A 86 -3.01 10.29 4.87
N ASP A 87 -3.77 11.32 4.48
CA ASP A 87 -4.53 12.13 5.40
C ASP A 87 -5.65 11.43 6.14
N THR A 88 -6.09 10.24 5.70
CA THR A 88 -7.13 9.47 6.33
C THR A 88 -6.68 8.79 7.62
N THR A 89 -5.37 8.71 7.83
CA THR A 89 -4.80 7.96 8.93
C THR A 89 -5.48 8.20 10.26
N GLY A 90 -6.00 7.11 10.85
CA GLY A 90 -6.52 7.17 12.21
C GLY A 90 -7.85 7.87 12.38
N TYR A 91 -8.59 8.06 11.30
CA TYR A 91 -9.88 8.75 11.40
C TYR A 91 -10.73 8.15 12.50
N GLY A 92 -11.33 9.06 13.29
CA GLY A 92 -12.20 8.69 14.38
C GLY A 92 -11.46 8.84 15.72
N GLU A 93 -10.15 8.86 15.66
CA GLU A 93 -9.26 8.99 16.80
C GLU A 93 -8.26 10.13 16.60
N GLN A 94 -7.62 10.14 15.43
CA GLN A 94 -6.67 11.19 15.07
C GLN A 94 -7.38 12.50 14.74
N SER A 95 -6.99 13.55 15.46
CA SER A 95 -7.62 14.84 15.19
C SER A 95 -7.29 15.34 13.79
N GLY A 96 -8.29 15.87 13.08
CA GLY A 96 -8.10 16.43 11.76
C GLY A 96 -7.88 15.46 10.63
N ALA A 97 -8.15 14.18 10.83
CA ALA A 97 -7.98 13.20 9.76
C ALA A 97 -9.05 13.38 8.70
N SER A 98 -8.72 13.02 7.46
CA SER A 98 -9.66 12.99 6.36
C SER A 98 -10.56 11.77 6.41
N THR A 99 -11.75 11.85 5.85
CA THR A 99 -12.61 10.71 5.64
C THR A 99 -12.19 10.07 4.30
N LEU A 100 -12.70 8.86 4.05
CA LEU A 100 -12.46 8.22 2.75
C LEU A 100 -13.18 8.98 1.64
N ASP A 101 -14.34 9.56 1.96
CA ASP A 101 -15.04 10.36 0.93
C ASP A 101 -14.23 11.56 0.50
N GLN A 102 -13.51 12.21 1.41
CA GLN A 102 -12.62 13.32 1.08
C GLN A 102 -11.42 12.86 0.29
N ALA A 103 -10.94 11.64 0.56
CA ALA A 103 -9.88 11.07 -0.25
C ALA A 103 -10.41 10.90 -1.68
N VAL A 104 -11.60 10.34 -1.84
CA VAL A 104 -12.22 10.13 -3.15
C VAL A 104 -12.38 11.44 -3.90
N ASP A 105 -12.79 12.52 -3.24
CA ASP A 105 -12.89 13.82 -3.88
C ASP A 105 -11.55 14.17 -4.56
N TYR A 106 -10.44 13.93 -3.91
CA TYR A 106 -9.09 14.20 -4.37
C TYR A 106 -8.72 13.29 -5.53
N TRP A 107 -9.03 11.99 -5.41
CA TRP A 107 -8.77 11.09 -6.54
C TRP A 107 -9.53 11.59 -7.77
N ILE A 108 -10.79 12.00 -7.61
CA ILE A 108 -11.57 12.56 -8.73
C ILE A 108 -10.93 13.82 -9.29
N GLU A 109 -10.35 14.69 -8.47
CA GLU A 109 -9.64 15.87 -8.97
C GLU A 109 -8.47 15.44 -9.86
N LEU A 110 -7.77 14.37 -9.50
CA LEU A 110 -6.66 13.83 -10.25
C LEU A 110 -7.06 12.96 -11.45
N LYS A 111 -8.33 12.81 -11.76
CA LYS A 111 -8.82 11.92 -12.79
C LYS A 111 -8.05 12.00 -14.11
N SER A 112 -7.88 13.22 -14.63
CA SER A 112 -7.19 13.41 -15.89
C SER A 112 -5.75 12.91 -15.87
N VAL A 113 -5.04 12.93 -14.76
CA VAL A 113 -3.68 12.42 -14.72
C VAL A 113 -3.65 10.93 -14.46
N LEU A 114 -4.74 10.34 -13.98
CA LEU A 114 -4.77 8.92 -13.67
C LEU A 114 -5.38 8.06 -14.75
N GLN A 115 -6.41 8.54 -15.45
CA GLN A 115 -7.04 7.73 -16.49
C GLN A 115 -6.00 7.43 -17.56
N GLY A 116 -6.02 6.18 -18.02
CA GLY A 116 -5.07 5.73 -19.02
C GLY A 116 -3.81 5.13 -18.42
N GLU A 117 -3.70 5.19 -17.09
CA GLU A 117 -2.52 4.66 -16.40
C GLU A 117 -2.82 3.38 -15.63
N GLU A 118 -3.89 2.68 -15.98
CA GLU A 118 -4.31 1.47 -15.26
C GLU A 118 -3.36 0.30 -15.28
N ASP A 119 -2.43 0.28 -16.25
CA ASP A 119 -1.41 -0.75 -16.27
C ASP A 119 -0.26 -0.45 -15.33
N TYR A 120 -0.17 0.80 -14.88
CA TYR A 120 0.97 1.29 -14.13
C TYR A 120 0.73 1.77 -12.71
N VAL A 121 -0.51 2.11 -12.43
CA VAL A 121 -0.86 2.76 -11.17
C VAL A 121 -1.96 2.03 -10.41
N LEU A 122 -1.69 1.81 -9.14
CA LEU A 122 -2.67 1.23 -8.22
C LEU A 122 -3.13 2.35 -7.30
N ILE A 123 -4.42 2.47 -7.01
CA ILE A 123 -4.91 3.55 -6.15
C ILE A 123 -5.25 3.00 -4.77
N ASN A 124 -4.46 3.39 -3.77
CA ASN A 124 -4.68 2.96 -2.37
C ASN A 124 -5.51 4.10 -1.79
N ILE A 125 -6.81 3.86 -1.68
CA ILE A 125 -7.76 4.93 -1.43
C ILE A 125 -7.40 5.89 -0.32
N GLY A 126 -7.12 5.34 0.84
CA GLY A 126 -6.71 6.11 2.00
C GLY A 126 -5.94 5.23 2.97
N ASN A 127 -4.83 5.76 3.46
CA ASN A 127 -4.01 5.03 4.42
C ASN A 127 -4.75 4.83 5.74
N GLU A 128 -4.65 3.62 6.30
CA GLU A 128 -5.13 3.28 7.64
C GLU A 128 -6.30 4.15 8.07
N PRO A 129 -7.43 3.98 7.41
CA PRO A 129 -8.47 5.01 7.44
C PRO A 129 -9.26 5.18 8.68
N TYR A 130 -9.08 4.30 9.64
CA TYR A 130 -9.71 4.40 10.96
C TYR A 130 -8.64 4.09 12.01
N GLY A 131 -8.81 4.77 13.14
CA GLY A 131 -8.06 4.49 14.36
C GLY A 131 -8.80 3.36 15.09
N ASN A 132 -8.95 3.51 16.42
CA ASN A 132 -9.61 2.47 17.20
C ASN A 132 -10.98 2.84 17.75
N ASP A 133 -11.46 4.04 17.46
CA ASP A 133 -12.77 4.45 17.94
C ASP A 133 -13.81 3.47 17.41
N SER A 134 -14.59 2.84 18.30
CA SER A 134 -15.50 1.80 17.91
C SER A 134 -16.57 2.19 16.92
N ALA A 135 -17.22 3.33 17.16
CA ALA A 135 -18.31 3.74 16.29
C ALA A 135 -17.84 3.98 14.86
N THR A 136 -16.61 4.47 14.68
CA THR A 136 -16.14 4.71 13.31
C THR A 136 -15.53 3.45 12.72
N VAL A 137 -14.89 2.61 13.52
CA VAL A 137 -14.39 1.33 13.00
C VAL A 137 -15.55 0.51 12.45
N ALA A 138 -16.72 0.57 13.10
CA ALA A 138 -17.91 -0.13 12.69
C ALA A 138 -18.41 0.30 11.32
N ALA A 139 -18.00 1.46 10.84
CA ALA A 139 -18.37 1.97 9.53
C ALA A 139 -17.32 1.66 8.46
N TRP A 140 -16.26 0.94 8.79
CA TRP A 140 -15.22 0.63 7.81
C TRP A 140 -15.79 0.03 6.54
N ALA A 141 -16.60 -1.02 6.67
CA ALA A 141 -17.09 -1.71 5.47
C ALA A 141 -18.02 -0.84 4.63
N THR A 142 -18.98 -0.17 5.26
CA THR A 142 -19.89 0.68 4.48
C THR A 142 -19.19 1.89 3.91
N ASP A 143 -18.29 2.55 4.66
CA ASP A 143 -17.55 3.69 4.11
C ASP A 143 -16.63 3.25 2.97
N THR A 144 -15.95 2.10 3.14
CA THR A 144 -15.04 1.66 2.07
C THR A 144 -15.80 1.24 0.81
N SER A 145 -16.89 0.51 0.98
CA SER A 145 -17.76 0.15 -0.16
C SER A 145 -18.26 1.40 -0.87
N ALA A 146 -18.69 2.40 -0.12
CA ALA A 146 -19.17 3.65 -0.70
C ALA A 146 -18.10 4.35 -1.49
N ALA A 147 -16.87 4.39 -0.99
CA ALA A 147 -15.74 5.03 -1.65
C ALA A 147 -15.43 4.30 -2.96
N ILE A 148 -15.40 2.97 -2.92
CA ILE A 148 -15.19 2.17 -4.12
C ILE A 148 -16.28 2.48 -5.15
N GLN A 149 -17.53 2.48 -4.70
CA GLN A 149 -18.64 2.76 -5.61
C GLN A 149 -18.57 4.14 -6.23
N ARG A 150 -18.13 5.14 -5.51
CA ARG A 150 -17.98 6.48 -6.05
C ARG A 150 -16.90 6.51 -7.12
N LEU A 151 -15.76 5.87 -6.83
CA LEU A 151 -14.68 5.82 -7.80
C LEU A 151 -15.11 5.16 -9.10
N ARG A 152 -15.82 4.06 -9.01
CA ARG A 152 -16.30 3.31 -10.16
C ARG A 152 -17.29 4.15 -10.96
N ALA A 153 -18.16 4.86 -10.26
CA ALA A 153 -19.15 5.71 -10.93
C ALA A 153 -18.49 6.91 -11.57
N ALA A 154 -17.34 7.35 -11.08
CA ALA A 154 -16.58 8.45 -11.62
C ALA A 154 -15.72 7.99 -12.82
N GLY A 155 -15.78 6.72 -13.18
CA GLY A 155 -15.05 6.20 -14.32
C GLY A 155 -13.69 5.59 -14.06
N PHE A 156 -13.31 5.38 -12.81
CA PHE A 156 -12.01 4.79 -12.51
C PHE A 156 -12.07 3.29 -12.73
N GLU A 157 -11.09 2.76 -13.48
CA GLU A 157 -11.05 1.34 -13.73
C GLU A 157 -9.80 0.70 -13.16
N HIS A 158 -9.00 1.50 -12.47
CA HIS A 158 -7.78 1.00 -11.85
C HIS A 158 -8.13 -0.04 -10.77
N THR A 159 -7.14 -0.89 -10.48
CA THR A 159 -7.28 -1.73 -9.30
C THR A 159 -7.10 -0.79 -8.10
N LEU A 160 -8.03 -0.96 -7.15
CA LEU A 160 -8.05 -0.17 -5.95
C LEU A 160 -7.53 -0.99 -4.77
N VAL A 161 -6.78 -0.35 -3.89
CA VAL A 161 -6.23 -0.99 -2.71
C VAL A 161 -6.80 -0.31 -1.48
N VAL A 162 -7.40 -1.13 -0.60
CA VAL A 162 -8.08 -0.57 0.57
C VAL A 162 -7.45 -1.08 1.86
N ASP A 163 -7.21 -0.14 2.75
CA ASP A 163 -6.59 -0.38 4.03
C ASP A 163 -7.61 -0.73 5.12
N ALA A 164 -7.09 -1.36 6.17
CA ALA A 164 -7.88 -1.76 7.33
C ALA A 164 -8.05 -0.69 8.39
N PRO A 165 -9.03 -0.86 9.28
CA PRO A 165 -9.19 -0.02 10.46
C PRO A 165 -8.18 -0.38 11.53
N ASN A 166 -8.26 0.21 12.73
CA ASN A 166 -7.31 -0.02 13.82
C ASN A 166 -5.90 0.35 13.40
N TRP A 167 -5.79 1.54 12.79
CA TRP A 167 -4.52 2.10 12.32
C TRP A 167 -3.87 1.13 11.34
N GLY A 168 -4.68 0.50 10.50
CA GLY A 168 -4.21 -0.44 9.50
C GLY A 168 -3.90 -1.85 9.98
N GLN A 169 -3.87 -2.08 11.29
CA GLN A 169 -3.49 -3.40 11.79
C GLN A 169 -4.66 -4.36 11.96
N ASP A 170 -5.91 -3.88 11.86
CA ASP A 170 -7.08 -4.76 11.93
C ASP A 170 -7.05 -5.70 13.14
N TRP A 171 -6.68 -5.22 14.33
CA TRP A 171 -6.63 -6.13 15.48
C TRP A 171 -8.02 -6.55 15.91
N THR A 172 -9.07 -5.83 15.50
CA THR A 172 -10.45 -6.23 15.78
C THR A 172 -10.94 -7.23 14.73
N ASN A 173 -10.14 -7.48 13.70
CA ASN A 173 -10.48 -8.37 12.60
C ASN A 173 -11.73 -7.93 11.86
N THR A 174 -11.95 -6.60 11.82
CA THR A 174 -13.08 -6.04 11.10
C THR A 174 -12.89 -6.21 9.59
N MET A 175 -11.69 -5.92 9.09
CA MET A 175 -11.47 -6.11 7.66
C MET A 175 -11.48 -7.61 7.34
N ARG A 176 -10.85 -8.39 8.22
CA ARG A 176 -10.83 -9.84 8.04
C ARG A 176 -12.22 -10.43 7.87
N ASN A 177 -13.15 -9.99 8.73
CA ASN A 177 -14.48 -10.60 8.72
C ASN A 177 -15.49 -9.93 7.84
N ASN A 178 -15.20 -8.77 7.26
CA ASN A 178 -16.14 -8.04 6.41
C ASN A 178 -15.57 -7.73 5.03
N ALA A 179 -14.39 -8.25 4.70
CA ALA A 179 -13.79 -8.02 3.39
C ALA A 179 -14.68 -8.61 2.28
N ASP A 180 -15.39 -9.70 2.55
CA ASP A 180 -16.29 -10.24 1.53
C ASP A 180 -17.36 -9.23 1.09
N GLN A 181 -17.97 -8.51 2.03
CA GLN A 181 -18.96 -7.49 1.73
C GLN A 181 -18.39 -6.37 0.88
N VAL A 182 -17.16 -5.94 1.22
CA VAL A 182 -16.49 -4.86 0.50
C VAL A 182 -16.11 -5.30 -0.90
N TYR A 183 -15.54 -6.52 -0.99
CA TYR A 183 -15.18 -7.03 -2.31
C TYR A 183 -16.42 -7.13 -3.19
N ALA A 184 -17.55 -7.58 -2.64
CA ALA A 184 -18.79 -7.66 -3.41
C ALA A 184 -19.23 -6.31 -3.95
N SER A 185 -18.95 -5.24 -3.24
CA SER A 185 -19.35 -3.90 -3.63
C SER A 185 -18.63 -3.35 -4.85
N ASP A 186 -17.53 -3.96 -5.27
CA ASP A 186 -16.80 -3.60 -6.47
C ASP A 186 -17.21 -4.63 -7.55
N PRO A 187 -18.15 -4.26 -8.40
CA PRO A 187 -18.64 -5.15 -9.43
C PRO A 187 -17.59 -5.62 -10.42
N THR A 188 -16.48 -4.88 -10.55
CA THR A 188 -15.40 -5.23 -11.44
C THR A 188 -14.48 -6.26 -10.81
N GLY A 189 -14.51 -6.34 -9.47
CA GLY A 189 -13.67 -7.26 -8.74
C GLY A 189 -12.24 -6.74 -8.59
N ASN A 190 -11.97 -5.52 -9.02
CA ASN A 190 -10.60 -5.00 -9.01
C ASN A 190 -10.27 -4.19 -7.78
N THR A 191 -10.37 -4.89 -6.65
CA THR A 191 -10.09 -4.38 -5.32
C THR A 191 -9.20 -5.39 -4.59
N VAL A 192 -8.17 -4.85 -3.95
CA VAL A 192 -7.21 -5.60 -3.16
C VAL A 192 -7.19 -5.06 -1.73
N PHE A 193 -7.22 -5.95 -0.75
CA PHE A 193 -7.16 -5.54 0.66
C PHE A 193 -5.69 -5.41 1.06
N SER A 194 -5.42 -4.50 1.98
CA SER A 194 -4.04 -4.31 2.45
C SER A 194 -3.97 -4.27 3.96
N ILE A 195 -3.19 -5.16 4.54
CA ILE A 195 -2.98 -5.20 5.99
C ILE A 195 -1.63 -4.56 6.31
N HIS A 196 -1.54 -3.83 7.42
CA HIS A 196 -0.32 -3.22 7.91
C HIS A 196 0.09 -4.01 9.15
N MET A 197 1.28 -4.59 9.12
CA MET A 197 1.69 -5.43 10.24
C MET A 197 2.82 -4.84 11.05
N TYR A 198 2.42 -4.39 12.25
CA TYR A 198 3.33 -3.83 13.22
C TYR A 198 3.22 -4.63 14.51
N GLY A 199 3.15 -4.02 15.66
CA GLY A 199 3.11 -4.65 16.95
C GLY A 199 2.06 -5.68 17.24
N VAL A 200 0.91 -5.57 16.57
CA VAL A 200 -0.14 -6.57 16.72
C VAL A 200 0.36 -7.91 16.23
N TYR A 201 1.32 -7.92 15.30
CA TYR A 201 1.82 -9.09 14.61
C TYR A 201 3.21 -9.53 15.06
N SER A 202 3.43 -9.54 16.37
CA SER A 202 4.72 -10.04 16.86
C SER A 202 4.70 -11.57 16.91
N GLN A 203 3.53 -12.19 16.92
CA GLN A 203 3.46 -13.64 16.93
C GLN A 203 3.25 -14.25 15.56
N ALA A 204 4.06 -15.26 15.24
CA ALA A 204 3.96 -15.91 13.94
C ALA A 204 2.58 -16.51 13.70
N SER A 205 1.97 -17.13 14.71
CA SER A 205 0.67 -17.78 14.52
C SER A 205 -0.38 -16.77 14.08
N THR A 206 -0.33 -15.56 14.63
CA THR A 206 -1.28 -14.51 14.28
C THR A 206 -1.09 -14.01 12.87
N ILE A 207 0.15 -13.89 12.43
CA ILE A 207 0.49 -13.53 11.06
C ILE A 207 -0.06 -14.56 10.08
N THR A 208 0.31 -15.84 10.34
CA THR A 208 -0.11 -16.91 9.44
C THR A 208 -1.61 -17.05 9.37
N SER A 209 -2.30 -16.92 10.52
CA SER A 209 -3.73 -17.01 10.55
C SER A 209 -4.36 -15.96 9.65
N TYR A 210 -3.84 -14.73 9.75
CA TYR A 210 -4.40 -13.64 8.99
C TYR A 210 -4.22 -13.83 7.49
N LEU A 211 -2.99 -14.15 7.09
CA LEU A 211 -2.68 -14.30 5.68
C LEU A 211 -3.42 -15.48 5.06
N GLU A 212 -3.47 -16.60 5.80
CA GLU A 212 -4.19 -17.76 5.28
C GLU A 212 -5.69 -17.55 5.19
N HIS A 213 -6.24 -16.72 6.08
CA HIS A 213 -7.67 -16.45 6.01
C HIS A 213 -8.01 -15.89 4.63
N PHE A 214 -7.23 -14.88 4.21
CA PHE A 214 -7.46 -14.24 2.92
C PHE A 214 -7.18 -15.20 1.76
N VAL A 215 -6.05 -15.91 1.82
CA VAL A 215 -5.72 -16.82 0.72
C VAL A 215 -6.79 -17.91 0.58
N ASN A 216 -7.15 -18.54 1.69
CA ASN A 216 -8.16 -19.60 1.66
C ASN A 216 -9.51 -19.14 1.14
N ALA A 217 -9.90 -17.90 1.41
CA ALA A 217 -11.17 -17.38 0.94
C ALA A 217 -11.14 -16.79 -0.46
N GLY A 218 -9.94 -16.59 -1.04
CA GLY A 218 -9.87 -15.93 -2.33
C GLY A 218 -9.99 -14.43 -2.18
N LEU A 219 -9.75 -13.86 -1.00
CA LEU A 219 -9.79 -12.41 -0.81
C LEU A 219 -8.39 -11.87 -1.13
N PRO A 220 -8.24 -11.04 -2.16
CA PRO A 220 -6.92 -10.54 -2.53
C PRO A 220 -6.32 -9.75 -1.40
N LEU A 221 -5.04 -9.96 -1.15
CA LEU A 221 -4.39 -9.29 -0.04
C LEU A 221 -2.94 -8.98 -0.32
N ILE A 222 -2.51 -7.84 0.19
CA ILE A 222 -1.12 -7.46 0.25
C ILE A 222 -0.82 -7.06 1.70
N ILE A 223 0.47 -7.13 2.05
CA ILE A 223 0.95 -6.59 3.32
C ILE A 223 1.49 -5.21 2.90
N GLY A 224 0.65 -4.18 2.92
CA GLY A 224 1.02 -2.87 2.39
C GLY A 224 2.00 -2.06 3.19
N GLU A 225 2.17 -2.39 4.47
CA GLU A 225 3.19 -1.84 5.32
C GLU A 225 3.59 -2.92 6.35
N PHE A 226 4.86 -2.93 6.71
CA PHE A 226 5.29 -3.77 7.82
C PHE A 226 6.65 -3.21 8.27
N GLY A 227 6.96 -3.47 9.53
CA GLY A 227 8.22 -3.08 10.13
C GLY A 227 9.03 -4.28 10.58
N HIS A 228 10.04 -4.04 11.43
CA HIS A 228 10.90 -5.15 11.88
C HIS A 228 10.89 -5.29 13.40
N ASP A 229 11.46 -6.40 13.87
CA ASP A 229 11.41 -6.81 15.26
C ASP A 229 12.12 -5.95 16.29
N HIS A 230 12.88 -4.95 15.89
CA HIS A 230 13.51 -4.02 16.81
C HIS A 230 12.70 -2.72 16.84
N SER A 231 11.55 -2.80 16.21
CA SER A 231 10.65 -1.67 16.11
C SER A 231 9.45 -1.77 17.04
N ASP A 232 8.86 -0.62 17.30
CA ASP A 232 7.72 -0.50 18.18
C ASP A 232 6.67 -1.58 17.95
N GLY A 233 6.52 -2.46 18.94
CA GLY A 233 5.56 -3.55 18.86
C GLY A 233 6.21 -4.85 18.47
N ASN A 234 7.36 -4.81 17.83
CA ASN A 234 8.16 -5.94 17.46
C ASN A 234 7.49 -6.90 16.47
N PRO A 235 7.04 -6.41 15.32
CA PRO A 235 6.49 -7.30 14.31
C PRO A 235 7.54 -8.33 13.93
N ASP A 236 7.13 -9.56 13.66
CA ASP A 236 8.06 -10.62 13.26
C ASP A 236 8.29 -10.54 11.76
N GLU A 237 9.24 -9.71 11.31
CA GLU A 237 9.43 -9.55 9.87
C GLU A 237 9.88 -10.82 9.18
N ASP A 238 10.65 -11.70 9.87
CA ASP A 238 11.06 -12.94 9.25
C ASP A 238 9.84 -13.76 8.84
N THR A 239 8.85 -13.85 9.75
CA THR A 239 7.64 -14.61 9.42
C THR A 239 6.79 -13.90 8.38
N ILE A 240 6.69 -12.59 8.48
CA ILE A 240 5.91 -11.84 7.49
C ILE A 240 6.46 -12.08 6.09
N MET A 241 7.78 -11.94 5.93
CA MET A 241 8.40 -12.11 4.62
C MET A 241 8.39 -13.55 4.14
N ALA A 242 8.62 -14.49 5.05
CA ALA A 242 8.58 -15.89 4.64
C ALA A 242 7.20 -16.34 4.22
N GLU A 243 6.18 -15.92 4.99
CA GLU A 243 4.80 -16.31 4.68
C GLU A 243 4.29 -15.61 3.43
N ALA A 244 4.68 -14.35 3.23
CA ALA A 244 4.31 -13.67 1.98
C ALA A 244 4.88 -14.41 0.80
N GLU A 245 6.12 -14.86 0.89
CA GLU A 245 6.75 -15.64 -0.17
C GLU A 245 6.06 -16.98 -0.33
N ARG A 246 5.78 -17.68 0.78
CA ARG A 246 5.13 -18.99 0.66
C ARG A 246 3.75 -18.93 0.02
N LEU A 247 2.97 -17.93 0.44
CA LEU A 247 1.62 -17.73 -0.03
C LEU A 247 1.51 -16.87 -1.28
N LYS A 248 2.64 -16.43 -1.81
CA LYS A 248 2.70 -15.61 -3.00
C LYS A 248 1.83 -14.35 -2.86
N LEU A 249 2.12 -13.62 -1.79
CA LEU A 249 1.44 -12.37 -1.49
C LEU A 249 2.41 -11.21 -1.61
N GLY A 250 1.85 -10.08 -2.07
CA GLY A 250 2.66 -8.87 -2.19
C GLY A 250 2.96 -8.32 -0.79
N TYR A 251 4.11 -7.66 -0.68
CA TYR A 251 4.49 -6.95 0.53
C TYR A 251 5.19 -5.66 0.15
N ILE A 252 4.99 -4.66 1.02
CA ILE A 252 5.60 -3.34 0.88
C ILE A 252 6.11 -2.91 2.24
N GLY A 253 7.44 -2.81 2.41
CA GLY A 253 7.95 -2.37 3.70
C GLY A 253 7.83 -0.88 3.91
N TRP A 254 7.87 -0.48 5.18
CA TRP A 254 7.90 0.94 5.56
C TRP A 254 9.25 1.18 6.23
N SER A 255 10.06 2.10 5.76
CA SER A 255 9.88 2.94 4.61
C SER A 255 11.28 3.32 4.10
N TRP A 256 11.35 3.92 2.92
CA TRP A 256 12.64 4.23 2.30
C TRP A 256 13.56 5.04 3.19
N SER A 257 13.11 6.18 3.68
CA SER A 257 13.92 7.04 4.54
C SER A 257 13.01 8.09 5.13
N GLY A 258 13.57 8.99 5.92
CA GLY A 258 12.89 10.15 6.45
C GLY A 258 11.91 9.95 7.58
N ASN A 259 11.97 8.81 8.26
CA ASN A 259 11.04 8.64 9.38
C ASN A 259 11.27 9.71 10.44
N GLY A 260 10.15 10.13 11.02
CA GLY A 260 10.22 11.15 12.07
C GLY A 260 10.76 10.50 13.33
N GLY A 261 10.96 11.30 14.37
CA GLY A 261 11.46 10.87 15.63
C GLY A 261 11.04 9.52 16.16
N GLY A 262 9.79 9.09 16.23
CA GLY A 262 9.50 7.80 16.84
C GLY A 262 9.83 6.56 16.06
N VAL A 263 10.07 6.89 14.48
CA VAL A 263 10.24 5.62 13.76
C VAL A 263 11.44 5.57 12.85
N GLU A 264 12.57 6.26 13.37
CA GLU A 264 13.80 6.30 12.58
C GLU A 264 14.42 4.95 12.26
N TYR A 265 14.17 4.00 13.16
CA TYR A 265 14.58 2.62 12.99
C TYR A 265 13.86 2.02 11.79
N LEU A 266 12.81 2.65 11.25
CA LEU A 266 12.18 2.13 10.05
C LEU A 266 12.78 2.74 8.79
N ASP A 267 13.86 3.54 8.87
CA ASP A 267 14.48 4.00 7.65
C ASP A 267 15.25 2.84 6.99
N MET A 268 15.07 2.67 5.69
CA MET A 268 15.82 1.64 4.97
C MET A 268 17.18 2.13 4.52
N VAL A 269 17.25 3.42 4.19
CA VAL A 269 18.52 4.05 3.85
C VAL A 269 18.65 5.29 4.73
N TYR A 270 19.89 5.72 4.94
CA TYR A 270 20.13 6.92 5.74
C TYR A 270 20.07 8.17 4.88
N ASN A 271 19.21 9.09 5.29
CA ASN A 271 19.06 10.39 4.66
C ASN A 271 18.89 10.37 3.15
N PHE A 272 18.05 9.46 2.66
CA PHE A 272 17.73 9.29 1.26
C PHE A 272 18.90 9.03 0.34
N ASP A 273 19.98 8.47 0.89
CA ASP A 273 21.15 8.10 0.12
C ASP A 273 20.97 6.61 -0.21
N GLY A 274 20.66 6.31 -1.46
CA GLY A 274 20.46 4.97 -1.93
C GLY A 274 21.63 4.02 -1.80
N ASP A 275 22.84 4.51 -1.58
CA ASP A 275 24.02 3.70 -1.42
C ASP A 275 24.35 3.43 0.05
N ASN A 276 23.53 3.94 0.96
CA ASN A 276 23.81 3.79 2.39
C ASN A 276 22.64 3.13 3.12
N LEU A 277 22.60 1.80 3.02
CA LEU A 277 21.53 1.04 3.64
C LEU A 277 21.74 0.89 5.14
N SER A 278 20.62 0.86 5.85
CA SER A 278 20.60 0.57 7.28
C SER A 278 20.48 -0.95 7.39
N PRO A 279 20.56 -1.50 8.59
CA PRO A 279 20.36 -2.93 8.80
C PRO A 279 18.98 -3.35 8.31
N TRP A 280 17.97 -2.52 8.51
CA TRP A 280 16.61 -2.78 8.01
C TRP A 280 16.55 -2.78 6.49
N GLY A 281 17.19 -1.79 5.87
CA GLY A 281 17.27 -1.78 4.40
C GLY A 281 17.94 -3.04 3.90
N GLU A 282 19.06 -3.44 4.51
CA GLU A 282 19.75 -4.67 4.15
C GLU A 282 18.84 -5.89 4.32
N ARG A 283 18.12 -5.94 5.43
CA ARG A 283 17.22 -7.05 5.71
C ARG A 283 16.11 -7.20 4.67
N ILE A 284 15.40 -6.10 4.39
CA ILE A 284 14.26 -6.22 3.47
C ILE A 284 14.67 -6.39 2.02
N PHE A 285 15.80 -5.77 1.63
CA PHE A 285 16.24 -5.92 0.25
C PHE A 285 17.07 -7.18 0.01
N TYR A 286 18.00 -7.48 0.93
CA TYR A 286 18.97 -8.54 0.67
C TYR A 286 18.90 -9.75 1.57
N GLY A 287 18.02 -9.76 2.57
CA GLY A 287 17.91 -10.91 3.46
C GLY A 287 16.98 -11.97 2.89
N PRO A 288 16.77 -13.04 3.66
CA PRO A 288 15.89 -14.13 3.28
C PRO A 288 14.51 -13.64 2.92
N ASN A 289 13.99 -14.11 1.78
CA ASN A 289 12.70 -13.72 1.24
C ASN A 289 12.62 -12.23 0.91
N GLY A 290 13.75 -11.56 0.72
CA GLY A 290 13.89 -10.16 0.46
C GLY A 290 13.53 -9.76 -0.96
N ILE A 291 13.49 -8.44 -1.16
CA ILE A 291 13.07 -7.88 -2.45
C ILE A 291 14.04 -8.25 -3.57
N ALA A 292 15.34 -8.10 -3.35
CA ALA A 292 16.27 -8.37 -4.46
C ALA A 292 16.20 -9.83 -4.88
N SER A 293 16.03 -10.76 -3.94
CA SER A 293 16.02 -12.16 -4.33
C SER A 293 14.70 -12.66 -4.89
N THR A 294 13.59 -11.98 -4.57
CA THR A 294 12.30 -12.49 -4.97
C THR A 294 11.53 -11.68 -5.99
N ALA A 295 11.78 -10.39 -6.07
CA ALA A 295 11.00 -9.51 -6.92
C ALA A 295 11.22 -9.69 -8.42
N LYS A 296 10.12 -9.61 -9.14
CA LYS A 296 10.14 -9.61 -10.59
C LYS A 296 9.50 -8.31 -11.10
N GLU A 297 10.17 -7.66 -12.05
CA GLU A 297 9.59 -6.46 -12.68
C GLU A 297 8.25 -6.80 -13.35
N ALA A 298 7.33 -5.84 -13.35
CA ALA A 298 6.08 -5.99 -14.08
C ALA A 298 6.42 -6.14 -15.56
N VAL A 299 5.75 -7.08 -16.21
CA VAL A 299 5.98 -7.35 -17.62
C VAL A 299 5.51 -6.23 -18.53
N ILE A 300 4.65 -5.33 -18.06
CA ILE A 300 4.22 -4.20 -18.90
C ILE A 300 5.42 -3.36 -19.35
N PHE A 301 6.51 -3.30 -18.59
CA PHE A 301 7.65 -2.49 -18.96
C PHE A 301 8.42 -3.05 -20.13
N GLY A 302 8.26 -4.33 -20.41
CA GLY A 302 8.92 -4.96 -21.57
C GLY A 302 7.90 -4.87 -22.72
#